data_3LQE
#
_entry.id   3LQE
#
_cell.length_a   86.262
_cell.length_b   105.219
_cell.length_c   84.053
_cell.angle_alpha   90.00
_cell.angle_beta   90.00
_cell.angle_gamma   90.00
#
_symmetry.space_group_name_H-M   'C 2 2 21'
#
loop_
_entity.id
_entity.type
_entity.pdbx_description
1 polymer 'Capsid protein'
2 water water
#
_entity_poly.entity_id   1
_entity_poly.type   'polypeptide(L)'
_entity_poly.pdbx_seq_one_letter_code
;SNATIYRMVDLPVIQPRLCTHARWPAPVYGLLVDPSLPSNPQWQNGRVHVDGTLLGTTPISGSWVSCFAAEAAYEFQSGT
GEVATFTLIEQDGSAYVPGDRAAPLGYPDFSGQLEIEVQTETTKTGDKLKVTTFEMILGPTTNADQAPYQGRVFASVTAA
ASLDLVDGRVRAVPRSIYGFQDTIPEYNDGLLVPLAPPIGPFLPGEVLLRFRTYMRQIDTADAAAEAIDCALPQEFVSWF
ASNAFTVQSEALLLRYRNTLTGQLLFECKLYNEGYIALSYSGSGPLTFPTDGIFEVVSWVPRLYQLASVGSLATGRMLKQ
;
_entity_poly.pdbx_strand_id   A
#
# COMPACT_ATOMS: atom_id res chain seq x y z
N ARG A 7 -25.49 -13.30 -1.16
CA ARG A 7 -25.00 -14.05 -2.36
C ARG A 7 -24.45 -13.24 -3.56
N MET A 8 -25.20 -12.29 -4.16
CA MET A 8 -24.59 -11.58 -5.29
C MET A 8 -23.58 -10.60 -4.68
N VAL A 9 -22.37 -10.51 -5.20
CA VAL A 9 -21.47 -9.56 -4.54
C VAL A 9 -21.97 -8.16 -4.66
N ASP A 10 -21.86 -7.43 -3.55
CA ASP A 10 -22.13 -6.02 -3.58
C ASP A 10 -20.89 -5.22 -3.05
N LEU A 11 -20.86 -3.90 -3.23
CA LEU A 11 -19.75 -3.10 -2.63
C LEU A 11 -20.31 -2.16 -1.61
N PRO A 12 -19.50 -1.77 -0.58
CA PRO A 12 -20.05 -0.79 0.39
C PRO A 12 -20.26 0.57 -0.26
N VAL A 13 -21.29 1.34 0.14
CA VAL A 13 -21.55 2.57 -0.61
C VAL A 13 -20.75 3.61 0.20
N ILE A 14 -19.43 3.62 0.02
CA ILE A 14 -18.53 4.48 0.71
C ILE A 14 -17.74 5.27 -0.39
N GLN A 15 -17.79 6.58 -0.31
CA GLN A 15 -17.07 7.42 -1.28
C GLN A 15 -15.56 7.29 -1.08
N PRO A 16 -14.77 7.30 -2.19
CA PRO A 16 -13.31 7.26 -2.11
C PRO A 16 -12.71 8.28 -1.09
N ARG A 17 -13.18 9.52 -1.08
CA ARG A 17 -12.60 10.56 -0.17
C ARG A 17 -12.91 10.29 1.28
N LEU A 18 -13.78 9.29 1.55
CA LEU A 18 -14.12 8.90 2.92
C LEU A 18 -13.36 7.63 3.37
N CYS A 19 -12.54 7.07 2.48
CA CYS A 19 -11.79 5.80 2.71
C CYS A 19 -10.39 5.94 3.28
N THR A 20 -9.87 4.79 3.74
CA THR A 20 -8.53 4.66 4.34
C THR A 20 -7.63 4.11 3.22
N HIS A 21 -6.42 4.67 3.04
CA HIS A 21 -5.46 4.14 2.07
C HIS A 21 -4.89 2.80 2.53
N ALA A 22 -4.53 1.93 1.58
CA ALA A 22 -4.09 0.55 1.84
C ALA A 22 -2.57 0.30 1.75
N ARG A 23 -1.82 1.35 1.39
CA ARG A 23 -0.35 1.22 1.34
C ARG A 23 0.42 2.25 2.12
N TRP A 24 -0.22 3.33 2.50
CA TRP A 24 0.41 4.33 3.35
C TRP A 24 -0.71 4.76 4.30
N PRO A 25 -0.39 4.88 5.61
CA PRO A 25 -1.55 5.00 6.49
C PRO A 25 -2.06 6.45 6.50
N ALA A 26 -2.96 6.77 5.61
CA ALA A 26 -3.50 8.12 5.55
C ALA A 26 -4.86 7.94 4.83
N PRO A 27 -5.73 8.98 4.83
CA PRO A 27 -6.97 8.97 3.99
C PRO A 27 -6.67 8.79 2.50
N VAL A 28 -7.59 8.19 1.75
CA VAL A 28 -7.56 8.34 0.28
C VAL A 28 -7.90 9.86 -0.07
N TYR A 29 -7.16 10.47 -1.00
CA TYR A 29 -7.35 11.87 -1.39
C TYR A 29 -7.72 11.92 -2.88
N GLY A 30 -7.38 10.86 -3.63
CA GLY A 30 -7.43 10.97 -5.12
C GLY A 30 -7.86 9.68 -5.74
N LEU A 31 -8.39 9.80 -6.96
CA LEU A 31 -8.85 8.66 -7.75
C LEU A 31 -8.55 9.00 -9.21
N LEU A 32 -7.81 8.13 -9.87
CA LEU A 32 -7.32 8.45 -11.18
C LEU A 32 -6.83 7.21 -11.94
N VAL A 33 -6.67 7.34 -13.27
CA VAL A 33 -5.82 6.42 -14.05
C VAL A 33 -4.62 7.23 -14.58
N ASP A 34 -3.55 6.53 -14.97
CA ASP A 34 -2.37 7.24 -15.49
C ASP A 34 -1.78 6.08 -16.34
N PRO A 35 -1.51 6.35 -17.66
CA PRO A 35 -0.98 5.32 -18.57
C PRO A 35 0.53 5.42 -18.59
N SER A 36 1.08 6.53 -18.12
CA SER A 36 2.52 6.64 -18.01
C SER A 36 3.15 6.04 -16.75
N LEU A 37 2.35 5.45 -15.84
CA LEU A 37 2.94 4.78 -14.64
C LEU A 37 3.12 3.32 -14.97
N PRO A 38 3.86 2.56 -14.12
CA PRO A 38 4.03 1.17 -14.41
C PRO A 38 2.68 0.52 -14.48
N SER A 39 2.47 -0.29 -15.49
CA SER A 39 1.12 -0.82 -15.75
C SER A 39 0.75 -2.02 -14.88
N ASN A 40 1.76 -2.74 -14.45
CA ASN A 40 1.55 -3.98 -13.73
C ASN A 40 2.29 -4.00 -12.39
N PRO A 41 1.91 -3.09 -11.46
CA PRO A 41 2.67 -2.97 -10.18
C PRO A 41 2.59 -4.25 -9.32
N GLN A 42 3.64 -4.53 -8.55
CA GLN A 42 3.66 -5.77 -7.77
C GLN A 42 3.20 -5.71 -6.29
N TRP A 43 2.34 -4.71 -5.98
CA TRP A 43 2.05 -4.23 -4.60
C TRP A 43 1.79 -5.46 -3.74
N GLN A 44 2.32 -5.45 -2.52
CA GLN A 44 2.15 -6.56 -1.54
C GLN A 44 1.03 -6.29 -0.46
N ASN A 45 0.71 -5.03 -0.28
CA ASN A 45 -0.39 -4.58 0.58
C ASN A 45 -1.56 -4.09 -0.27
N GLY A 46 -2.75 -4.09 0.31
CA GLY A 46 -4.00 -3.74 -0.43
C GLY A 46 -4.37 -4.78 -1.50
N ARG A 47 -4.07 -6.04 -1.23
CA ARG A 47 -4.31 -7.09 -2.23
C ARG A 47 -5.26 -8.07 -1.66
N VAL A 48 -6.45 -8.15 -2.28
CA VAL A 48 -7.40 -9.23 -1.93
C VAL A 48 -8.14 -9.61 -3.22
N HIS A 49 -8.67 -10.82 -3.30
CA HIS A 49 -9.47 -11.22 -4.46
C HIS A 49 -10.93 -10.99 -4.03
N VAL A 50 -11.82 -10.93 -5.01
CA VAL A 50 -13.23 -10.70 -4.73
C VAL A 50 -13.86 -11.83 -3.92
N ASP A 51 -13.29 -13.01 -4.02
CA ASP A 51 -13.69 -14.09 -3.15
C ASP A 51 -13.14 -13.93 -1.71
N GLY A 52 -12.23 -12.98 -1.44
CA GLY A 52 -11.85 -12.80 -0.02
C GLY A 52 -10.51 -13.35 0.33
N THR A 53 -9.86 -13.93 -0.68
CA THR A 53 -8.48 -14.36 -0.54
C THR A 53 -7.55 -13.13 -0.42
N LEU A 54 -7.00 -12.92 0.79
CA LEU A 54 -5.92 -11.99 0.99
C LEU A 54 -4.58 -12.41 0.37
N LEU A 55 -3.80 -11.49 -0.21
CA LEU A 55 -2.52 -11.81 -0.76
C LEU A 55 -1.35 -10.95 -0.20
N GLY A 56 -0.13 -11.39 -0.44
CA GLY A 56 1.02 -10.65 0.00
C GLY A 56 0.94 -10.45 1.50
N THR A 57 1.24 -9.22 1.90
CA THR A 57 1.45 -8.95 3.32
C THR A 57 0.17 -8.23 3.81
N THR A 58 -0.90 -8.23 3.00
CA THR A 58 -2.08 -7.31 3.18
C THR A 58 -2.69 -7.52 4.58
N PRO A 59 -2.74 -6.45 5.46
CA PRO A 59 -3.33 -6.65 6.78
C PRO A 59 -4.83 -6.41 6.70
N ILE A 60 -5.65 -6.83 7.67
CA ILE A 60 -7.01 -6.34 7.86
C ILE A 60 -7.13 -4.87 8.28
N SER A 61 -6.33 -4.51 9.27
CA SER A 61 -6.50 -3.15 9.83
C SER A 61 -5.70 -2.14 9.04
N GLY A 62 -6.32 -1.01 8.71
CA GLY A 62 -5.52 0.09 8.16
C GLY A 62 -4.43 0.65 9.07
N SER A 63 -4.56 0.49 10.40
CA SER A 63 -3.48 0.99 11.33
C SER A 63 -2.18 0.18 11.14
N TRP A 64 -2.26 -0.93 10.39
CA TRP A 64 -1.09 -1.80 10.29
C TRP A 64 -0.23 -1.45 9.06
N VAL A 65 -0.77 -0.56 8.22
CA VAL A 65 -0.23 -0.32 6.93
C VAL A 65 1.07 0.42 7.04
N SER A 66 2.11 -0.24 6.53
CA SER A 66 3.43 0.32 6.43
C SER A 66 4.10 0.55 7.79
N CYS A 67 3.67 -0.20 8.82
CA CYS A 67 4.17 -0.12 10.20
C CYS A 67 4.82 -1.49 10.44
N PHE A 68 5.52 -1.63 11.54
CA PHE A 68 6.04 -2.94 11.95
C PHE A 68 6.13 -3.04 13.43
N ALA A 69 6.29 -4.26 13.96
CA ALA A 69 6.71 -4.40 15.39
C ALA A 69 7.91 -5.25 15.53
N ALA A 70 8.68 -5.05 16.60
CA ALA A 70 9.91 -5.79 16.77
C ALA A 70 10.36 -5.91 18.23
N GLU A 71 11.29 -6.85 18.46
CA GLU A 71 12.21 -6.76 19.58
C GLU A 71 13.42 -5.98 19.10
N ALA A 72 13.74 -4.87 19.77
CA ALA A 72 14.82 -3.95 19.31
C ALA A 72 16.04 -4.10 20.22
N ALA A 73 17.21 -4.32 19.65
CA ALA A 73 18.45 -4.33 20.45
C ALA A 73 19.31 -3.24 19.89
N TYR A 74 19.68 -2.31 20.76
CA TYR A 74 20.35 -1.06 20.38
C TYR A 74 21.82 -1.11 20.70
N GLU A 75 22.67 -0.77 19.74
CA GLU A 75 24.12 -0.54 20.00
C GLU A 75 24.64 0.75 19.34
N PHE A 76 25.57 1.46 20.01
CA PHE A 76 26.33 2.49 19.31
C PHE A 76 27.37 1.86 18.36
N GLN A 77 27.59 2.50 17.22
CA GLN A 77 28.49 1.98 16.19
C GLN A 77 29.26 3.21 15.77
N SER A 78 30.51 3.32 16.21
CA SER A 78 31.40 4.47 15.93
C SER A 78 31.20 5.04 14.50
N GLY A 79 30.93 6.35 14.39
CA GLY A 79 30.79 7.00 13.08
C GLY A 79 29.44 6.99 12.35
N THR A 80 28.47 6.25 12.88
CA THR A 80 27.10 6.15 12.31
C THR A 80 26.05 6.73 13.27
N GLY A 81 26.30 6.56 14.57
CA GLY A 81 25.33 6.80 15.64
C GLY A 81 24.71 5.47 16.06
N GLU A 82 23.55 5.52 16.70
CA GLU A 82 22.90 4.31 17.17
C GLU A 82 22.29 3.51 16.00
N VAL A 83 22.64 2.21 15.95
CA VAL A 83 22.02 1.21 15.09
C VAL A 83 21.15 0.26 15.94
N ALA A 84 19.88 0.14 15.55
CA ALA A 84 18.98 -0.85 16.15
C ALA A 84 18.89 -2.05 15.23
N THR A 85 18.97 -3.26 15.81
CA THR A 85 18.59 -4.50 15.13
C THR A 85 17.15 -4.88 15.58
N PHE A 86 16.26 -5.11 14.61
CA PHE A 86 14.83 -5.30 14.89
C PHE A 86 14.47 -6.73 14.53
N THR A 87 14.09 -7.54 15.51
CA THR A 87 13.72 -8.92 15.27
C THR A 87 12.21 -8.87 15.24
N LEU A 88 11.69 -8.95 14.03
CA LEU A 88 10.34 -8.57 13.70
C LEU A 88 9.42 -9.51 14.42
N ILE A 89 8.21 -9.03 14.85
CA ILE A 89 7.06 -9.82 15.38
C ILE A 89 5.84 -9.37 14.58
N GLU A 90 4.80 -9.99 14.67
CA GLU A 90 3.62 -9.44 14.00
C GLU A 90 3.07 -8.30 14.88
N GLN A 91 2.38 -7.37 14.28
CA GLN A 91 1.97 -6.15 14.97
C GLN A 91 0.93 -6.40 16.12
N ASP A 92 0.27 -7.57 16.13
CA ASP A 92 -0.59 -7.95 17.27
C ASP A 92 0.23 -8.55 18.42
N GLY A 93 1.53 -8.58 18.25
CA GLY A 93 2.45 -9.03 19.30
C GLY A 93 2.76 -10.50 19.11
N SER A 94 1.99 -11.23 18.26
CA SER A 94 2.32 -12.65 18.05
C SER A 94 3.66 -12.84 17.29
N ALA A 95 4.24 -14.04 17.40
CA ALA A 95 5.54 -14.31 16.79
C ALA A 95 5.49 -14.22 15.29
N TYR A 96 6.51 -13.60 14.65
CA TYR A 96 6.63 -13.66 13.20
C TYR A 96 7.48 -14.89 12.81
N VAL A 97 6.92 -15.78 11.95
CA VAL A 97 7.65 -16.94 11.39
C VAL A 97 7.72 -16.79 9.85
N PRO A 98 8.94 -16.80 9.23
CA PRO A 98 8.98 -16.82 7.75
C PRO A 98 8.03 -17.89 7.18
N GLY A 99 7.07 -17.47 6.32
CA GLY A 99 5.98 -18.35 5.80
C GLY A 99 5.69 -18.14 4.29
N ASP A 100 4.41 -17.97 3.97
CA ASP A 100 3.92 -17.89 2.60
C ASP A 100 3.56 -16.49 2.11
N ARG A 101 4.33 -15.56 2.58
CA ARG A 101 4.23 -14.18 2.26
C ARG A 101 5.54 -13.51 2.58
N ALA A 102 5.72 -12.31 2.09
CA ALA A 102 7.05 -11.74 1.97
C ALA A 102 7.64 -11.16 3.26
N ALA A 103 6.80 -10.96 4.25
CA ALA A 103 7.26 -10.18 5.45
C ALA A 103 6.12 -10.21 6.47
N PRO A 104 6.32 -9.67 7.68
CA PRO A 104 5.11 -9.48 8.58
C PRO A 104 3.93 -8.70 7.91
N LEU A 105 2.66 -8.99 8.25
CA LEU A 105 1.54 -8.17 7.80
C LEU A 105 1.76 -6.68 7.89
N GLY A 106 1.48 -5.99 6.76
CA GLY A 106 1.48 -4.54 6.66
C GLY A 106 2.88 -3.96 6.42
N TYR A 107 3.90 -4.80 6.45
CA TYR A 107 5.30 -4.31 6.24
C TYR A 107 5.45 -3.45 4.90
N PRO A 108 6.23 -2.32 4.89
CA PRO A 108 6.27 -1.49 3.63
C PRO A 108 6.65 -2.32 2.45
N ASP A 109 6.02 -2.04 1.31
CA ASP A 109 6.18 -2.86 0.09
C ASP A 109 6.65 -1.98 -1.05
N PHE A 110 7.45 -0.97 -0.70
CA PHE A 110 8.00 0.00 -1.64
C PHE A 110 9.43 0.25 -1.24
N SER A 111 10.20 1.01 -2.02
CA SER A 111 11.59 1.32 -1.60
C SER A 111 11.84 2.75 -1.26
N GLY A 112 13.06 3.01 -0.76
CA GLY A 112 13.58 4.33 -0.51
C GLY A 112 14.07 4.36 0.91
N GLN A 113 14.20 5.54 1.48
CA GLN A 113 14.67 5.62 2.82
C GLN A 113 13.52 6.09 3.71
N LEU A 114 13.07 5.19 4.61
CA LEU A 114 11.88 5.45 5.46
C LEU A 114 12.30 5.94 6.80
N GLU A 115 11.69 7.06 7.20
CA GLU A 115 11.85 7.56 8.51
C GLU A 115 10.78 6.88 9.37
N ILE A 116 11.11 6.20 10.39
CA ILE A 116 10.20 5.50 11.29
C ILE A 116 10.22 6.08 12.72
N GLU A 117 9.13 6.13 13.40
CA GLU A 117 9.15 6.51 14.80
C GLU A 117 8.90 5.25 15.62
N VAL A 118 9.78 4.98 16.55
CA VAL A 118 9.83 3.69 17.20
C VAL A 118 9.51 3.88 18.64
N GLN A 119 8.43 3.24 19.10
CA GLN A 119 8.06 3.45 20.49
C GLN A 119 7.93 2.14 21.23
N THR A 120 8.19 2.14 22.55
CA THR A 120 7.93 1.00 23.45
C THR A 120 6.51 0.50 23.20
N GLU A 121 6.28 -0.81 23.18
CA GLU A 121 4.97 -1.36 22.97
C GLU A 121 4.06 -1.03 24.16
N THR A 122 2.78 -0.83 23.83
CA THR A 122 1.78 -0.43 24.81
C THR A 122 0.94 -1.63 25.18
N THR A 123 1.09 -2.02 26.43
CA THR A 123 0.61 -3.27 26.92
C THR A 123 -0.49 -3.05 27.98
N LYS A 124 -0.28 -2.01 28.81
CA LYS A 124 -1.18 -1.67 29.93
C LYS A 124 -0.87 -0.25 30.40
N THR A 125 -1.78 0.28 31.22
CA THR A 125 -1.71 1.67 31.66
C THR A 125 -0.52 1.75 32.63
N GLY A 126 0.37 2.72 32.41
CA GLY A 126 1.59 2.98 33.23
C GLY A 126 2.89 2.42 32.65
N ASP A 127 2.81 1.61 31.59
CA ASP A 127 4.02 1.23 30.84
C ASP A 127 4.71 2.60 30.75
N LYS A 128 5.99 2.66 31.12
CA LYS A 128 6.97 3.67 30.69
C LYS A 128 7.25 3.52 29.18
N LEU A 129 7.13 4.63 28.45
CA LEU A 129 7.32 4.63 27.00
C LEU A 129 8.58 5.45 26.56
N LYS A 130 9.45 4.83 25.76
CA LYS A 130 10.51 5.57 25.02
C LYS A 130 10.19 5.62 23.52
N VAL A 131 10.78 6.62 22.86
CA VAL A 131 10.55 6.96 21.47
C VAL A 131 11.87 7.51 20.86
N THR A 132 12.23 7.00 19.69
CA THR A 132 13.45 7.33 18.97
C THR A 132 12.97 7.38 17.50
N THR A 133 13.46 8.35 16.72
CA THR A 133 13.29 8.32 15.26
C THR A 133 14.50 7.66 14.63
N PHE A 134 14.30 6.82 13.62
CA PHE A 134 15.39 6.21 12.91
C PHE A 134 15.18 6.35 11.39
N GLU A 135 16.23 6.08 10.61
CA GLU A 135 16.11 5.98 9.17
C GLU A 135 16.38 4.55 8.80
N MET A 136 15.55 4.00 7.95
CA MET A 136 15.76 2.64 7.53
C MET A 136 15.74 2.58 6.00
N ILE A 137 16.67 1.87 5.40
CA ILE A 137 16.69 1.77 3.96
C ILE A 137 15.92 0.57 3.57
N LEU A 138 14.92 0.74 2.74
CA LEU A 138 14.06 -0.34 2.31
C LEU A 138 14.53 -1.20 1.12
N GLY A 139 15.17 -0.61 0.13
CA GLY A 139 15.58 -1.39 -1.07
C GLY A 139 16.80 -2.34 -0.94
N PRO A 140 17.32 -2.85 -2.04
CA PRO A 140 18.38 -3.83 -1.93
C PRO A 140 19.62 -3.06 -1.81
N THR A 141 20.24 -3.17 -0.67
CA THR A 141 21.41 -2.40 -0.50
C THR A 141 22.38 -3.39 0.01
N THR A 142 23.52 -2.82 0.29
CA THR A 142 23.93 -2.83 -1.07
C THR A 142 25.08 -3.76 -0.93
N ASN A 143 25.49 -3.96 0.33
CA ASN A 143 26.59 -4.90 0.54
C ASN A 143 26.05 -5.97 1.49
N ALA A 144 25.08 -5.49 2.28
CA ALA A 144 24.09 -6.21 3.07
C ALA A 144 22.93 -5.25 3.35
N ASP A 145 22.13 -5.49 4.38
CA ASP A 145 21.77 -6.76 4.92
C ASP A 145 20.42 -6.43 5.48
N GLN A 146 19.38 -6.99 4.93
CA GLN A 146 18.10 -6.51 5.28
C GLN A 146 17.41 -7.73 4.86
N ALA A 147 16.67 -8.29 5.76
CA ALA A 147 15.86 -9.45 5.39
C ALA A 147 14.69 -9.19 6.32
N PRO A 148 13.55 -8.74 5.73
CA PRO A 148 12.31 -8.65 6.51
C PRO A 148 11.71 -10.06 6.41
N TYR A 149 11.89 -10.78 5.30
CA TYR A 149 11.23 -12.11 5.21
C TYR A 149 11.75 -13.09 6.26
N GLN A 150 13.03 -13.01 6.52
CA GLN A 150 13.65 -13.87 7.54
C GLN A 150 13.39 -13.29 8.94
N GLY A 151 12.76 -12.11 9.02
CA GLY A 151 12.47 -11.58 10.37
C GLY A 151 13.54 -10.69 10.94
N ARG A 152 14.42 -10.15 10.10
CA ARG A 152 15.39 -9.25 10.67
C ARG A 152 15.75 -8.00 9.85
N VAL A 153 15.64 -6.83 10.43
CA VAL A 153 15.96 -5.56 9.73
C VAL A 153 16.76 -4.63 10.63
N PHE A 154 17.31 -3.58 10.05
CA PHE A 154 18.20 -2.65 10.74
C PHE A 154 17.81 -1.22 10.41
N ALA A 155 17.96 -0.32 11.37
CA ALA A 155 17.77 1.12 11.13
C ALA A 155 18.80 1.87 11.98
N SER A 156 18.95 3.18 11.75
CA SER A 156 19.83 3.92 12.63
C SER A 156 19.41 5.32 12.82
N VAL A 157 19.85 5.95 13.91
CA VAL A 157 19.79 7.41 13.91
C VAL A 157 21.17 8.04 14.10
N THR A 158 21.49 9.05 13.28
CA THR A 158 22.77 9.80 13.41
C THR A 158 22.94 10.43 14.81
N ALA A 159 24.08 10.15 15.42
CA ALA A 159 24.46 10.75 16.70
C ALA A 159 25.99 10.93 16.77
N ALA A 160 26.42 12.03 17.37
CA ALA A 160 27.84 12.25 17.69
C ALA A 160 28.24 11.33 18.83
N ALA A 161 27.31 11.15 19.77
CA ALA A 161 27.52 10.27 20.91
C ALA A 161 26.39 9.25 21.05
N SER A 162 26.45 8.47 22.12
CA SER A 162 25.46 7.43 22.38
C SER A 162 24.25 7.90 23.19
N LEU A 163 23.19 7.09 23.18
CA LEU A 163 21.96 7.41 23.90
C LEU A 163 21.64 6.36 24.98
N ASP A 164 20.62 6.65 25.77
CA ASP A 164 20.23 5.83 26.91
C ASP A 164 19.65 4.46 26.68
N LEU A 165 19.53 4.06 25.42
CA LEU A 165 18.48 3.20 24.87
C LEU A 165 18.55 1.77 25.40
N VAL A 166 17.52 1.39 26.15
CA VAL A 166 17.38 0.01 26.63
C VAL A 166 16.41 -0.82 25.71
N ASP A 167 16.94 -1.92 25.23
CA ASP A 167 16.26 -2.84 24.34
C ASP A 167 14.86 -3.20 24.84
N GLY A 168 13.98 -3.57 23.91
CA GLY A 168 12.66 -4.11 24.24
C GLY A 168 11.72 -4.20 23.04
N ARG A 169 10.47 -4.55 23.32
CA ARG A 169 9.47 -4.73 22.30
C ARG A 169 9.00 -3.33 21.90
N VAL A 170 8.93 -3.05 20.61
CA VAL A 170 8.60 -1.71 20.03
C VAL A 170 7.56 -1.82 18.90
N ARG A 171 6.95 -0.70 18.55
CA ARG A 171 6.12 -0.57 17.34
C ARG A 171 6.72 0.58 16.52
N ALA A 172 6.83 0.43 15.20
CA ALA A 172 7.41 1.48 14.35
C ALA A 172 6.33 1.94 13.35
N VAL A 173 6.11 3.24 13.31
CA VAL A 173 5.20 3.86 12.37
C VAL A 173 6.01 4.73 11.41
N PRO A 174 5.52 4.92 10.18
CA PRO A 174 6.25 5.65 9.13
C PRO A 174 6.05 7.17 9.30
N ARG A 175 7.14 7.95 9.25
CA ARG A 175 7.06 9.41 9.42
C ARG A 175 7.23 10.17 8.09
N SER A 176 8.22 9.77 7.30
CA SER A 176 8.42 10.38 6.00
C SER A 176 9.22 9.42 5.14
N ILE A 177 9.50 9.63 3.91
CA ILE A 177 10.16 8.82 2.92
C ILE A 177 11.15 9.71 2.16
N TYR A 178 12.18 9.19 1.73
CA TYR A 178 13.24 9.92 1.05
C TYR A 178 13.71 9.07 -0.13
N GLY A 179 13.66 9.61 -1.36
CA GLY A 179 14.04 8.82 -2.55
C GLY A 179 13.07 7.69 -2.80
N PHE A 180 11.79 7.98 -2.64
CA PHE A 180 10.76 6.96 -2.77
C PHE A 180 10.83 6.34 -4.14
N GLN A 181 10.80 5.02 -4.22
CA GLN A 181 10.59 4.39 -5.52
C GLN A 181 9.57 3.33 -5.33
N ASP A 182 8.53 3.34 -6.16
CA ASP A 182 7.48 2.36 -6.00
C ASP A 182 7.87 1.08 -6.67
N THR A 183 8.89 0.46 -6.10
CA THR A 183 9.23 -0.93 -6.48
C THR A 183 9.42 -1.74 -5.19
N ILE A 184 9.11 -3.00 -5.09
CA ILE A 184 9.22 -3.79 -3.84
C ILE A 184 10.65 -3.84 -3.26
N PRO A 185 10.79 -3.90 -2.05
CA PRO A 185 12.13 -4.00 -1.51
C PRO A 185 12.64 -5.41 -1.70
N GLU A 186 13.92 -5.59 -1.33
CA GLU A 186 14.61 -6.88 -1.36
C GLU A 186 14.11 -7.60 -0.10
N TYR A 187 13.12 -8.48 -0.19
CA TYR A 187 12.63 -8.99 1.07
C TYR A 187 13.56 -10.10 1.68
N ASN A 188 14.33 -10.77 0.83
CA ASN A 188 14.98 -12.03 1.22
C ASN A 188 16.48 -12.13 0.92
N ASP A 189 17.08 -10.95 0.74
CA ASP A 189 18.52 -10.89 0.50
C ASP A 189 19.01 -11.66 -0.72
N GLY A 190 18.39 -11.42 -1.88
CA GLY A 190 18.77 -12.17 -3.08
C GLY A 190 17.89 -13.37 -3.40
N LEU A 191 17.39 -14.06 -2.38
CA LEU A 191 16.68 -15.33 -2.60
C LEU A 191 15.23 -15.14 -3.11
N LEU A 192 14.69 -16.09 -3.82
CA LEU A 192 13.28 -16.01 -4.12
C LEU A 192 12.50 -15.80 -2.84
N VAL A 193 11.43 -15.05 -2.87
CA VAL A 193 10.53 -14.91 -1.72
C VAL A 193 9.05 -14.97 -2.16
N PRO A 194 8.12 -15.51 -1.32
CA PRO A 194 6.68 -15.48 -1.69
C PRO A 194 6.10 -14.06 -1.91
N LEU A 195 5.50 -13.81 -3.09
CA LEU A 195 4.97 -12.52 -3.57
C LEU A 195 3.60 -12.68 -4.17
N ALA A 196 2.70 -11.73 -3.87
CA ALA A 196 1.49 -11.62 -4.69
C ALA A 196 1.97 -11.25 -6.12
N PRO A 197 1.28 -11.73 -7.14
CA PRO A 197 1.77 -11.50 -8.50
C PRO A 197 1.54 -10.07 -8.95
N PRO A 198 2.30 -9.63 -9.97
CA PRO A 198 1.96 -8.34 -10.60
C PRO A 198 0.46 -8.18 -10.81
N ILE A 199 -0.08 -7.01 -10.73
CA ILE A 199 -1.50 -6.73 -10.97
C ILE A 199 -1.70 -6.75 -12.48
N GLY A 200 -2.65 -7.45 -12.94
CA GLY A 200 -2.89 -7.60 -14.38
C GLY A 200 -3.46 -9.00 -14.54
N PRO A 201 -3.79 -9.42 -15.81
CA PRO A 201 -3.60 -8.65 -17.04
C PRO A 201 -4.77 -7.71 -17.28
N PHE A 202 -4.53 -6.73 -18.13
CA PHE A 202 -5.57 -5.88 -18.71
C PHE A 202 -5.73 -6.19 -20.22
N LEU A 203 -6.95 -6.01 -20.71
CA LEU A 203 -7.23 -5.91 -22.17
C LEU A 203 -6.50 -4.75 -22.82
N PRO A 204 -6.30 -4.83 -24.18
CA PRO A 204 -5.74 -3.63 -24.80
C PRO A 204 -6.63 -2.43 -24.51
N GLY A 205 -6.01 -1.30 -24.23
CA GLY A 205 -6.70 -0.03 -23.94
C GLY A 205 -7.17 0.11 -22.48
N GLU A 206 -7.10 -0.99 -21.70
CA GLU A 206 -7.53 -1.00 -20.27
C GLU A 206 -6.36 -0.58 -19.41
N VAL A 207 -6.65 0.25 -18.40
CA VAL A 207 -5.60 0.73 -17.47
C VAL A 207 -6.10 0.64 -16.00
N LEU A 208 -5.16 0.45 -15.07
CA LEU A 208 -5.42 0.33 -13.61
C LEU A 208 -6.05 1.61 -13.01
N LEU A 209 -7.22 1.45 -12.37
CA LEU A 209 -7.78 2.50 -11.51
C LEU A 209 -6.99 2.60 -10.21
N ARG A 210 -6.55 3.81 -9.86
CA ARG A 210 -5.65 4.03 -8.69
C ARG A 210 -6.37 4.81 -7.59
N PHE A 211 -6.34 4.32 -6.34
CA PHE A 211 -6.72 5.10 -5.16
C PHE A 211 -5.46 5.73 -4.61
N ARG A 212 -5.42 7.05 -4.50
CA ARG A 212 -4.13 7.76 -4.21
C ARG A 212 -4.14 8.43 -2.86
N THR A 213 -2.97 8.50 -2.19
CA THR A 213 -2.82 9.39 -1.05
C THR A 213 -1.39 9.97 -1.15
N TYR A 214 -0.93 10.77 -0.18
CA TYR A 214 0.39 11.42 -0.26
C TYR A 214 1.25 11.15 0.99
N MET A 215 2.55 10.98 0.75
CA MET A 215 3.53 10.69 1.76
C MET A 215 4.34 11.98 1.93
N ARG A 216 4.63 12.33 3.18
CA ARG A 216 5.55 13.41 3.40
C ARG A 216 6.95 13.03 2.88
N GLN A 217 7.40 13.65 1.81
CA GLN A 217 8.77 13.33 1.24
C GLN A 217 9.82 14.40 1.55
N ILE A 218 10.79 14.09 2.38
CA ILE A 218 11.82 15.06 2.75
C ILE A 218 13.03 15.29 1.85
N ASP A 219 13.73 16.38 2.07
CA ASP A 219 14.86 16.79 1.24
C ASP A 219 15.93 17.31 2.17
N THR A 220 16.05 16.62 3.29
CA THR A 220 16.84 17.00 4.44
C THR A 220 16.05 18.07 5.12
N ALA A 221 15.72 19.08 4.33
CA ALA A 221 14.64 20.03 4.55
C ALA A 221 13.96 19.94 3.20
N ASP A 222 13.08 20.89 2.86
CA ASP A 222 12.27 20.70 1.65
C ASP A 222 11.07 19.80 1.50
N ALA A 223 10.27 19.60 2.56
CA ALA A 223 9.48 18.39 2.39
C ALA A 223 8.59 18.75 1.21
N ALA A 224 7.91 17.74 0.72
CA ALA A 224 6.90 17.84 -0.33
C ALA A 224 6.06 16.53 -0.42
N ALA A 225 4.82 16.64 -0.85
CA ALA A 225 3.93 15.47 -0.97
C ALA A 225 4.41 14.57 -2.10
N GLU A 226 4.45 13.25 -1.90
CA GLU A 226 4.76 12.32 -3.00
C GLU A 226 3.54 11.34 -3.14
N ALA A 227 3.04 11.13 -4.33
CA ALA A 227 1.92 10.24 -4.57
C ALA A 227 2.18 8.74 -4.31
N ILE A 228 1.27 7.98 -3.78
CA ILE A 228 1.30 6.50 -3.71
C ILE A 228 -0.12 5.98 -3.91
N ASP A 229 -0.18 4.94 -4.63
CA ASP A 229 -1.41 4.46 -5.22
C ASP A 229 -1.71 3.11 -4.65
N CYS A 230 -2.96 2.68 -4.65
CA CYS A 230 -3.19 1.30 -4.31
C CYS A 230 -4.43 0.86 -5.06
N ALA A 231 -4.64 -0.44 -5.13
CA ALA A 231 -5.67 -0.97 -6.02
C ALA A 231 -7.10 -0.86 -5.48
N LEU A 232 -7.24 -0.91 -4.13
CA LEU A 232 -8.55 -0.86 -3.50
C LEU A 232 -8.32 -0.13 -2.20
N PRO A 233 -9.27 0.71 -1.74
CA PRO A 233 -8.94 1.17 -0.36
C PRO A 233 -9.19 0.09 0.64
N GLN A 234 -8.69 0.35 1.83
CA GLN A 234 -8.66 -0.65 2.86
C GLN A 234 -10.07 -1.07 3.24
N GLU A 235 -11.06 -0.19 3.25
CA GLU A 235 -12.44 -0.70 3.61
C GLU A 235 -12.93 -1.78 2.61
N PHE A 236 -12.51 -1.68 1.34
CA PHE A 236 -12.90 -2.71 0.32
C PHE A 236 -12.09 -3.97 0.55
N VAL A 237 -10.84 -3.82 1.01
CA VAL A 237 -10.06 -4.99 1.38
C VAL A 237 -10.73 -5.82 2.48
N SER A 238 -11.14 -5.13 3.52
CA SER A 238 -11.67 -5.71 4.69
C SER A 238 -13.06 -6.26 4.32
N TRP A 239 -13.80 -5.52 3.50
CA TRP A 239 -15.14 -6.00 3.00
C TRP A 239 -15.15 -7.39 2.32
N PHE A 240 -14.23 -7.52 1.37
CA PHE A 240 -14.11 -8.75 0.63
C PHE A 240 -13.52 -9.81 1.52
N ALA A 241 -12.52 -9.47 2.37
CA ALA A 241 -12.01 -10.54 3.26
C ALA A 241 -13.16 -11.05 4.17
N SER A 242 -14.02 -10.17 4.66
CA SER A 242 -15.07 -10.57 5.63
C SER A 242 -16.27 -11.30 4.95
N ASN A 243 -16.62 -10.83 3.77
CA ASN A 243 -17.74 -11.43 3.06
C ASN A 243 -17.43 -12.78 2.44
N ALA A 244 -16.18 -13.02 2.00
CA ALA A 244 -15.81 -14.30 1.29
C ALA A 244 -16.91 -14.69 0.29
N PHE A 245 -17.23 -13.77 -0.64
CA PHE A 245 -18.30 -14.03 -1.62
C PHE A 245 -17.97 -15.21 -2.53
N THR A 246 -19.02 -15.83 -3.08
CA THR A 246 -18.85 -16.79 -4.19
C THR A 246 -18.72 -16.05 -5.53
N VAL A 247 -17.63 -16.29 -6.25
CA VAL A 247 -17.44 -15.61 -7.51
C VAL A 247 -17.93 -16.45 -8.71
N GLN A 248 -18.52 -15.78 -9.69
CA GLN A 248 -19.15 -16.48 -10.84
C GLN A 248 -18.56 -16.31 -12.24
N SER A 249 -17.62 -15.40 -12.49
CA SER A 249 -17.21 -15.25 -13.89
C SER A 249 -15.97 -14.41 -13.74
N GLU A 250 -15.20 -14.19 -14.80
CA GLU A 250 -14.09 -13.29 -14.60
C GLU A 250 -13.95 -11.89 -13.98
N ALA A 251 -15.03 -11.11 -14.01
CA ALA A 251 -14.98 -9.75 -13.50
C ALA A 251 -16.34 -9.28 -13.20
N LEU A 252 -16.40 -8.15 -12.54
CA LEU A 252 -17.65 -7.48 -12.29
C LEU A 252 -17.67 -6.16 -13.02
N LEU A 253 -18.78 -5.91 -13.71
CA LEU A 253 -19.00 -4.58 -14.27
C LEU A 253 -19.43 -3.61 -13.16
N LEU A 254 -18.79 -2.48 -13.07
CA LEU A 254 -19.24 -1.54 -12.04
C LEU A 254 -19.53 -0.19 -12.67
N ARG A 255 -20.42 0.58 -12.04
CA ARG A 255 -20.60 1.99 -12.35
C ARG A 255 -20.14 2.85 -11.21
N TYR A 256 -19.51 3.97 -11.52
CA TYR A 256 -19.10 4.91 -10.50
C TYR A 256 -20.06 6.07 -10.64
N ARG A 257 -20.80 6.36 -9.59
CA ARG A 257 -21.93 7.31 -9.71
C ARG A 257 -22.01 8.31 -8.59
N ASN A 258 -22.35 9.53 -8.92
CA ASN A 258 -22.66 10.50 -7.85
C ASN A 258 -24.11 10.31 -7.44
N THR A 259 -24.36 9.85 -6.21
CA THR A 259 -25.71 9.50 -5.86
C THR A 259 -26.56 10.73 -5.45
N LEU A 260 -25.92 11.85 -5.14
CA LEU A 260 -26.63 13.08 -4.81
C LEU A 260 -27.28 13.64 -6.11
N THR A 261 -26.50 13.71 -7.19
CA THR A 261 -26.98 14.17 -8.54
C THR A 261 -27.49 13.07 -9.48
N GLY A 262 -27.09 11.84 -9.26
CA GLY A 262 -27.42 10.78 -10.19
C GLY A 262 -26.42 10.71 -11.33
N GLN A 263 -25.45 11.61 -11.42
CA GLN A 263 -24.53 11.55 -12.58
C GLN A 263 -23.75 10.21 -12.68
N LEU A 264 -23.88 9.44 -13.78
CA LEU A 264 -22.97 8.34 -14.05
C LEU A 264 -21.63 8.87 -14.54
N LEU A 265 -20.56 8.55 -13.83
CA LEU A 265 -19.25 9.16 -14.21
C LEU A 265 -18.52 8.24 -15.17
N PHE A 266 -18.46 6.96 -14.83
CA PHE A 266 -17.82 5.99 -15.70
C PHE A 266 -18.21 4.58 -15.36
N GLU A 267 -17.96 3.64 -16.28
CA GLU A 267 -18.03 2.23 -16.00
C GLU A 267 -16.62 1.68 -15.96
N CYS A 268 -16.43 0.60 -15.16
CA CYS A 268 -15.12 0.00 -14.93
C CYS A 268 -15.31 -1.51 -14.68
N LYS A 269 -14.23 -2.28 -14.76
CA LYS A 269 -14.25 -3.73 -14.55
C LYS A 269 -13.42 -4.04 -13.32
N LEU A 270 -14.06 -4.58 -12.29
CA LEU A 270 -13.35 -5.16 -11.16
C LEU A 270 -13.05 -6.61 -11.49
N TYR A 271 -11.80 -6.90 -11.82
CA TYR A 271 -11.40 -8.27 -12.00
C TYR A 271 -11.46 -9.05 -10.69
N ASN A 272 -11.70 -10.37 -10.82
CA ASN A 272 -11.89 -11.21 -9.63
C ASN A 272 -10.65 -11.23 -8.80
N GLU A 273 -9.50 -10.99 -9.43
CA GLU A 273 -8.24 -10.97 -8.72
C GLU A 273 -7.95 -9.63 -7.96
N GLY A 274 -8.95 -8.74 -7.89
CA GLY A 274 -8.93 -7.63 -6.92
C GLY A 274 -8.37 -6.30 -7.41
N TYR A 275 -8.52 -6.04 -8.71
CA TYR A 275 -8.05 -4.76 -9.30
C TYR A 275 -9.06 -4.31 -10.36
N ILE A 276 -9.18 -3.08 -10.44
CA ILE A 276 -10.16 -2.43 -11.26
C ILE A 276 -9.57 -1.89 -12.56
N ALA A 277 -10.24 -2.08 -13.68
CA ALA A 277 -9.75 -1.47 -14.94
C ALA A 277 -10.76 -0.51 -15.54
N LEU A 278 -10.24 0.56 -16.15
CA LEU A 278 -11.04 1.44 -17.05
C LEU A 278 -10.48 1.40 -18.49
N SER A 279 -11.26 1.71 -19.56
CA SER A 279 -10.70 1.79 -20.95
C SER A 279 -10.46 3.25 -21.21
N TYR A 280 -9.24 3.64 -21.43
CA TYR A 280 -8.91 5.06 -21.64
C TYR A 280 -7.72 5.06 -22.56
N SER A 281 -7.76 5.86 -23.63
CA SER A 281 -6.60 5.86 -24.55
C SER A 281 -5.72 7.08 -24.46
N GLY A 282 -6.00 7.99 -23.53
CA GLY A 282 -5.22 9.23 -23.45
C GLY A 282 -3.86 8.84 -22.97
N SER A 283 -2.94 9.81 -22.89
CA SER A 283 -1.55 9.51 -22.54
C SER A 283 -1.19 10.11 -21.16
N GLY A 284 -1.88 11.18 -20.74
CA GLY A 284 -1.59 11.77 -19.40
C GLY A 284 -2.48 11.27 -18.27
N PRO A 285 -2.15 11.65 -17.01
CA PRO A 285 -3.05 11.37 -15.90
C PRO A 285 -4.49 11.96 -16.16
N LEU A 286 -5.52 11.13 -15.92
CA LEU A 286 -6.88 11.59 -15.83
C LEU A 286 -7.44 11.34 -14.40
N THR A 287 -7.86 12.39 -13.72
CA THR A 287 -8.37 12.21 -12.36
C THR A 287 -9.89 12.28 -12.35
N PHE A 288 -10.50 11.65 -11.36
CA PHE A 288 -11.94 11.66 -11.20
C PHE A 288 -12.42 12.24 -9.90
N PRO A 289 -13.67 12.74 -9.85
CA PRO A 289 -14.15 13.22 -8.56
C PRO A 289 -14.15 12.06 -7.54
N THR A 290 -13.93 12.38 -6.25
CA THR A 290 -13.79 11.35 -5.23
C THR A 290 -15.10 11.18 -4.44
N ASP A 291 -16.15 11.89 -4.83
CA ASP A 291 -17.40 11.79 -4.06
C ASP A 291 -18.45 10.90 -4.71
N GLY A 292 -18.12 10.02 -5.64
CA GLY A 292 -19.17 9.06 -6.07
C GLY A 292 -19.08 7.73 -5.32
N ILE A 293 -19.92 6.75 -5.64
CA ILE A 293 -19.75 5.43 -5.13
C ILE A 293 -19.73 4.46 -6.27
N PHE A 294 -19.10 3.28 -6.08
CA PHE A 294 -19.20 2.13 -6.98
C PHE A 294 -20.39 1.22 -6.76
N GLU A 295 -21.08 0.82 -7.83
CA GLU A 295 -22.25 -0.08 -7.71
C GLU A 295 -22.00 -1.28 -8.58
N VAL A 296 -22.24 -2.47 -8.08
CA VAL A 296 -22.08 -3.66 -8.89
C VAL A 296 -23.21 -3.70 -9.88
N VAL A 297 -22.86 -3.98 -11.15
CA VAL A 297 -23.87 -4.15 -12.21
C VAL A 297 -24.18 -5.57 -12.65
N SER A 298 -23.17 -6.42 -12.90
CA SER A 298 -23.41 -7.82 -13.27
C SER A 298 -22.03 -8.45 -13.37
N TRP A 299 -21.95 -9.79 -13.40
CA TRP A 299 -20.78 -10.54 -13.82
C TRP A 299 -20.54 -10.34 -15.30
N VAL A 300 -19.27 -10.25 -15.70
CA VAL A 300 -18.90 -10.16 -17.13
C VAL A 300 -17.66 -11.01 -17.45
N PRO A 301 -17.53 -11.45 -18.72
CA PRO A 301 -16.33 -12.14 -19.12
C PRO A 301 -15.10 -11.22 -19.13
N ARG A 302 -13.91 -11.83 -19.11
CA ARG A 302 -12.65 -11.11 -19.22
C ARG A 302 -12.65 -10.23 -20.46
N LEU A 303 -13.26 -10.68 -21.57
CA LEU A 303 -13.16 -9.86 -22.81
C LEU A 303 -14.29 -8.85 -22.96
N TYR A 304 -15.11 -8.65 -21.93
CA TYR A 304 -16.13 -7.62 -22.01
C TYR A 304 -15.49 -6.26 -22.29
N GLN A 305 -16.04 -5.51 -23.27
CA GLN A 305 -15.36 -4.25 -23.71
C GLN A 305 -16.07 -3.13 -22.98
N LEU A 306 -15.33 -2.34 -22.20
CA LEU A 306 -15.92 -1.21 -21.45
C LEU A 306 -16.10 0.02 -22.35
N ALA A 307 -17.09 0.85 -22.01
CA ALA A 307 -17.19 2.20 -22.49
C ALA A 307 -15.95 2.97 -22.07
N SER A 308 -15.30 3.62 -23.04
CA SER A 308 -14.15 4.45 -22.75
C SER A 308 -14.45 5.71 -21.96
N VAL A 309 -13.41 6.25 -21.34
CA VAL A 309 -13.54 7.60 -20.71
C VAL A 309 -12.55 8.48 -21.39
N GLY A 310 -12.77 9.80 -21.29
CA GLY A 310 -11.65 10.66 -21.57
C GLY A 310 -11.67 11.89 -20.75
N SER A 311 -10.66 12.70 -21.00
CA SER A 311 -10.45 13.95 -20.30
C SER A 311 -11.54 14.91 -20.70
N LEU A 312 -11.97 15.68 -19.74
CA LEU A 312 -13.03 16.60 -19.94
C LEU A 312 -12.58 17.92 -20.56
N ALA A 313 -11.28 18.15 -20.65
CA ALA A 313 -10.74 19.31 -21.34
C ALA A 313 -10.68 18.90 -22.84
N THR A 314 -11.35 19.63 -23.73
CA THR A 314 -11.44 19.26 -25.16
C THR A 314 -10.54 20.06 -26.08
N GLY A 315 -9.72 20.96 -25.53
CA GLY A 315 -8.92 21.83 -26.36
C GLY A 315 -7.89 21.13 -27.19
N ARG A 316 -7.67 21.57 -28.42
CA ARG A 316 -6.61 20.93 -29.22
C ARG A 316 -6.04 21.97 -30.14
N MET A 317 -4.77 21.84 -30.55
CA MET A 317 -4.22 22.81 -31.47
C MET A 317 -4.09 22.14 -32.83
N LEU A 318 -4.24 22.94 -33.88
CA LEU A 318 -4.00 22.48 -35.26
C LEU A 318 -2.53 22.07 -35.39
N LYS A 319 -1.70 22.94 -34.85
CA LYS A 319 -0.33 22.66 -34.42
C LYS A 319 0.66 23.63 -34.94
#